data_8YIF
#
_entry.id   8YIF
#
_cell.length_a   51.223
_cell.length_b   73.336
_cell.length_c   73.213
_cell.angle_alpha   90.00
_cell.angle_beta   90.47
_cell.angle_gamma   90.00
#
_symmetry.space_group_name_H-M   'P 1 21 1'
#
loop_
_entity.id
_entity.type
_entity.pdbx_description
1 polymer Alpha-glucosidase
2 non-polymer Acarviosin
3 water water
#
_entity_poly.entity_id   1
_entity_poly.type   'polypeptide(L)'
_entity_poly.pdbx_seq_one_letter_code
;MSHTIERPSRLDTARRAFSWRDAVVYQVYLRSFRDANGDGIGDLGGLSQGLDAIAALGCDAIWLNPCYASPQRDHGYDIA
DYLTIDPAYGTLEEFDEVVRRAHELGLRVLMDMVANHCSSDHAWFQAALAAEPGSDERARFIFRDGLGPDGELPPNNWDS
VFGGLAWTRVTERDGRPGQWYLHSFDTSQPDFDWRHPAVAEHFENVLRFWFERGVDGFRIDVAHGHFKDAALPDHPGGRG
PDAGHNHGMWDQPEVHDLYRSWRALGDAYEPEKYFVGEIWVPSPDRLADYLRPDELHNAFSFDLLVQPWNADRFRKAIET
GLAVGRGWPAWTLANHDVHRAVTRYGQEQPLDEALPTDMIAAARRRGPADLDRGLRRARAAAALALALPGSMYLYQGEEL
GLPEVLDLPDAARQDPIWTRSNGTELGRDGCRIPLPWTREGRTFGFSDAAAATTWLPQPAWFGAFARATQAADPDSMLSL
HRDLLATRRTHLRGTEPIVWLSPAGAEVLAFRRGDVVVVTNFGSAPFTPPSAWGALSPLLASQPLTGSATVPPETTVWSR
LHRGVAALEHHHHHH
;
_entity_poly.pdbx_strand_id   A
#
# COMPACT_ATOMS: atom_id res chain seq x y z
N ALA A 17 15.48 -7.36 19.92
CA ALA A 17 15.77 -6.10 19.26
C ALA A 17 14.96 -5.95 17.97
N PHE A 18 14.82 -4.72 17.49
CA PHE A 18 14.10 -4.47 16.26
C PHE A 18 14.79 -5.18 15.08
N SER A 19 13.99 -5.76 14.19
CA SER A 19 14.49 -6.28 12.94
C SER A 19 13.47 -6.04 11.84
N TRP A 20 13.95 -5.52 10.69
CA TRP A 20 13.06 -5.31 9.55
C TRP A 20 12.46 -6.62 9.07
N ARG A 21 13.22 -7.71 9.20
CA ARG A 21 12.77 -9.01 8.71
C ARG A 21 11.41 -9.39 9.28
N ASP A 22 11.17 -9.09 10.56
CA ASP A 22 9.97 -9.48 11.28
C ASP A 22 9.06 -8.29 11.59
N ALA A 23 9.32 -7.12 11.00
CA ALA A 23 8.60 -5.90 11.39
C ALA A 23 7.12 -5.98 11.06
N VAL A 24 6.29 -5.44 11.95
CA VAL A 24 4.88 -5.17 11.65
C VAL A 24 4.76 -3.66 11.48
N VAL A 25 4.41 -3.24 10.26
CA VAL A 25 4.46 -1.83 9.86
C VAL A 25 3.04 -1.31 9.73
N TYR A 26 2.75 -0.21 10.42
CA TYR A 26 1.44 0.43 10.31
C TYR A 26 1.48 1.44 9.18
N GLN A 27 0.63 1.26 8.16
CA GLN A 27 0.56 2.22 7.05
C GLN A 27 -0.37 3.37 7.42
N VAL A 28 0.21 4.57 7.52
CA VAL A 28 -0.51 5.79 7.87
C VAL A 28 -0.87 6.55 6.60
N TYR A 29 -2.16 6.59 6.27
CA TYR A 29 -2.67 7.44 5.20
C TYR A 29 -3.00 8.77 5.87
N LEU A 30 -1.99 9.66 5.89
CA LEU A 30 -1.99 10.82 6.78
C LEU A 30 -3.26 11.66 6.63
N ARG A 31 -3.72 11.86 5.39
CA ARG A 31 -4.90 12.70 5.15
C ARG A 31 -6.14 12.20 5.89
N SER A 32 -6.17 10.93 6.31
CA SER A 32 -7.39 10.35 6.86
C SER A 32 -7.14 9.67 8.20
N PHE A 33 -6.00 9.97 8.84
CA PHE A 33 -5.66 9.37 10.15
C PHE A 33 -6.26 10.19 11.30
N ARG A 34 -5.77 11.42 11.49
CA ARG A 34 -6.32 12.25 12.57
C ARG A 34 -6.06 13.72 12.28
N ASP A 35 -7.09 14.56 12.48
CA ASP A 35 -7.08 15.99 12.11
C ASP A 35 -6.94 16.85 13.37
N ALA A 36 -5.69 17.22 13.68
CA ALA A 36 -5.45 18.06 14.85
C ALA A 36 -5.67 19.54 14.55
N ASN A 37 -5.41 19.99 13.31
CA ASN A 37 -5.53 21.40 12.98
C ASN A 37 -7.00 21.84 12.94
N GLY A 38 -7.94 20.91 12.76
CA GLY A 38 -9.34 21.27 12.63
C GLY A 38 -9.77 21.75 11.26
N ASP A 39 -8.98 21.45 10.22
CA ASP A 39 -9.33 21.85 8.86
C ASP A 39 -10.01 20.74 8.05
N GLY A 40 -10.38 19.63 8.69
CA GLY A 40 -10.99 18.51 7.99
C GLY A 40 -10.01 17.56 7.35
N ILE A 41 -8.72 17.82 7.47
CA ILE A 41 -7.68 17.06 6.81
C ILE A 41 -6.79 16.46 7.89
N GLY A 42 -6.56 15.15 7.83
CA GLY A 42 -5.55 14.55 8.70
C GLY A 42 -4.20 15.21 8.50
N ASP A 43 -3.44 15.34 9.57
CA ASP A 43 -2.22 16.15 9.54
C ASP A 43 -1.19 15.57 10.50
N LEU A 44 0.00 16.19 10.51
CA LEU A 44 1.09 15.66 11.34
C LEU A 44 0.81 15.83 12.82
N GLY A 45 0.12 16.91 13.20
CA GLY A 45 -0.29 17.05 14.59
C GLY A 45 -1.17 15.91 15.04
N GLY A 46 -2.06 15.46 14.15
CA GLY A 46 -2.92 14.34 14.49
C GLY A 46 -2.15 13.03 14.56
N LEU A 47 -1.21 12.83 13.62
CA LEU A 47 -0.36 11.65 13.72
C LEU A 47 0.40 11.63 15.03
N SER A 48 0.99 12.77 15.42
CA SER A 48 1.69 12.83 16.69
C SER A 48 0.80 12.38 17.85
N GLN A 49 -0.45 12.83 17.86
CA GLN A 49 -1.39 12.41 18.90
C GLN A 49 -1.64 10.91 18.84
N GLY A 50 -1.72 10.34 17.65
CA GLY A 50 -2.07 8.94 17.51
C GLY A 50 -0.93 7.96 17.52
N LEU A 51 0.32 8.43 17.64
CA LEU A 51 1.44 7.51 17.66
C LEU A 51 1.36 6.56 18.84
N ASP A 52 0.88 7.04 19.98
CA ASP A 52 0.73 6.17 21.15
C ASP A 52 -0.19 5.00 20.85
N ALA A 53 -1.23 5.22 20.04
CA ALA A 53 -2.17 4.15 19.70
C ALA A 53 -1.51 3.11 18.79
N ILE A 54 -0.66 3.57 17.86
CA ILE A 54 0.03 2.63 16.97
C ILE A 54 1.01 1.77 17.75
N ALA A 55 1.77 2.37 18.66
CA ALA A 55 2.72 1.58 19.43
C ALA A 55 2.00 0.66 20.40
N ALA A 56 0.93 1.14 21.03
CA ALA A 56 0.17 0.32 21.96
C ALA A 56 -0.44 -0.89 21.26
N LEU A 57 -0.82 -0.73 20.00
CA LEU A 57 -1.34 -1.85 19.23
C LEU A 57 -0.30 -2.96 19.11
N GLY A 58 0.98 -2.61 19.06
CA GLY A 58 2.04 -3.60 18.98
C GLY A 58 2.92 -3.47 17.75
N CYS A 59 2.72 -2.41 16.98
CA CYS A 59 3.45 -2.24 15.74
C CYS A 59 4.89 -1.80 16.01
N ASP A 60 5.76 -2.10 15.03
CA ASP A 60 7.20 -1.87 15.09
C ASP A 60 7.66 -0.67 14.27
N ALA A 61 6.85 -0.20 13.34
CA ALA A 61 7.24 0.87 12.42
C ALA A 61 5.97 1.47 11.81
N ILE A 62 6.15 2.61 11.15
CA ILE A 62 5.08 3.25 10.39
C ILE A 62 5.62 3.55 9.00
N TRP A 63 4.73 3.49 8.00
CA TRP A 63 5.02 3.98 6.66
C TRP A 63 4.02 5.08 6.36
N LEU A 64 4.50 6.26 6.02
CA LEU A 64 3.63 7.39 5.72
C LEU A 64 3.39 7.48 4.22
N ASN A 65 2.12 7.46 3.81
CA ASN A 65 1.82 7.82 2.43
C ASN A 65 2.32 9.24 2.18
N PRO A 66 2.57 9.60 0.92
CA PRO A 66 3.37 10.81 0.65
C PRO A 66 2.72 12.08 1.16
N CYS A 67 3.49 12.82 1.96
CA CYS A 67 3.04 14.04 2.62
C CYS A 67 3.87 15.26 2.21
N TYR A 68 4.58 15.16 1.09
CA TYR A 68 5.30 16.28 0.49
C TYR A 68 4.31 17.26 -0.16
N ALA A 69 4.81 18.45 -0.48
CA ALA A 69 3.98 19.44 -1.16
C ALA A 69 3.38 18.84 -2.42
N SER A 70 2.05 18.92 -2.53
CA SER A 70 1.32 18.24 -3.59
C SER A 70 -0.01 18.94 -3.82
N PRO A 71 -0.42 19.17 -5.07
CA PRO A 71 -1.78 19.67 -5.32
C PRO A 71 -2.87 18.63 -5.10
N GLN A 72 -2.52 17.40 -4.71
CA GLN A 72 -3.43 16.35 -4.29
C GLN A 72 -4.32 15.84 -5.43
N ARG A 73 -3.91 16.04 -6.67
CA ARG A 73 -4.68 15.48 -7.77
C ARG A 73 -4.63 13.97 -7.78
N ASP A 74 -3.54 13.38 -7.28
CA ASP A 74 -3.51 11.97 -6.92
C ASP A 74 -3.14 11.84 -5.45
N HIS A 75 -3.63 12.80 -4.65
CA HIS A 75 -3.61 12.73 -3.20
C HIS A 75 -2.24 12.35 -2.65
N GLY A 76 -1.25 13.14 -3.06
CA GLY A 76 0.10 13.06 -2.54
C GLY A 76 1.07 12.42 -3.48
N TYR A 77 0.58 11.58 -4.39
CA TYR A 77 1.47 10.91 -5.34
C TYR A 77 1.76 11.78 -6.56
N ASP A 78 1.25 13.02 -6.57
CA ASP A 78 1.65 14.06 -7.53
C ASP A 78 2.40 15.14 -6.75
N ILE A 79 3.72 15.03 -6.73
CA ILE A 79 4.56 15.84 -5.85
C ILE A 79 5.08 17.06 -6.59
N ALA A 80 4.86 18.25 -5.99
CA ALA A 80 5.36 19.49 -6.56
C ALA A 80 6.66 19.96 -5.94
N ASP A 81 7.03 19.45 -4.76
CA ASP A 81 8.31 19.82 -4.14
C ASP A 81 8.71 18.66 -3.23
N TYR A 82 9.81 17.97 -3.59
CA TYR A 82 10.20 16.77 -2.87
C TYR A 82 10.90 17.05 -1.55
N LEU A 83 11.26 18.29 -1.28
CA LEU A 83 12.07 18.63 -0.10
C LEU A 83 11.26 19.39 0.95
N THR A 84 9.94 19.43 0.83
CA THR A 84 9.12 20.14 1.79
C THR A 84 7.86 19.34 2.10
N ILE A 85 7.36 19.51 3.32
CA ILE A 85 6.09 18.92 3.76
C ILE A 85 4.97 19.79 3.22
N ASP A 86 3.87 19.17 2.77
CA ASP A 86 2.72 19.97 2.36
C ASP A 86 2.26 20.84 3.51
N PRO A 87 2.08 22.16 3.30
CA PRO A 87 1.66 23.03 4.41
C PRO A 87 0.36 22.62 5.07
N ALA A 88 -0.53 21.92 4.35
CA ALA A 88 -1.76 21.42 4.98
C ALA A 88 -1.46 20.40 6.06
N TYR A 89 -0.33 19.70 5.96
CA TYR A 89 -0.01 18.65 6.92
C TYR A 89 0.84 19.16 8.07
N GLY A 90 1.69 20.15 7.82
CA GLY A 90 2.47 20.73 8.89
C GLY A 90 3.75 21.34 8.34
N THR A 91 4.58 21.79 9.26
CA THR A 91 5.88 22.33 8.93
C THR A 91 6.93 21.22 9.00
N LEU A 92 8.11 21.52 8.46
CA LEU A 92 9.22 20.59 8.62
C LEU A 92 9.56 20.38 10.09
N GLU A 93 9.43 21.43 10.92
CA GLU A 93 9.66 21.26 12.34
C GLU A 93 8.68 20.26 12.95
N GLU A 94 7.41 20.32 12.54
CA GLU A 94 6.44 19.36 13.07
C GLU A 94 6.77 17.96 12.60
N PHE A 95 7.22 17.82 11.34
CA PHE A 95 7.64 16.51 10.84
C PHE A 95 8.79 15.96 11.67
N ASP A 96 9.79 16.80 11.96
CA ASP A 96 10.92 16.34 12.77
C ASP A 96 10.46 15.85 14.15
N GLU A 97 9.48 16.55 14.74
CA GLU A 97 8.93 16.13 16.02
C GLU A 97 8.20 14.79 15.91
N VAL A 98 7.48 14.57 14.81
CA VAL A 98 6.82 13.27 14.60
C VAL A 98 7.86 12.16 14.51
N VAL A 99 8.93 12.39 13.75
CA VAL A 99 9.95 11.36 13.60
C VAL A 99 10.61 11.06 14.95
N ARG A 100 10.89 12.10 15.74
CA ARG A 100 11.55 11.84 17.01
C ARG A 100 10.60 11.18 18.00
N ARG A 101 9.31 11.56 17.98
CA ARG A 101 8.34 10.91 18.86
C ARG A 101 8.13 9.46 18.47
N ALA A 102 8.01 9.18 17.18
CA ALA A 102 7.91 7.79 16.72
C ALA A 102 9.10 6.98 17.20
N HIS A 103 10.30 7.52 16.99
CA HIS A 103 11.51 6.83 17.43
C HIS A 103 11.51 6.60 18.94
N GLU A 104 11.04 7.60 19.71
CA GLU A 104 10.99 7.46 21.17
C GLU A 104 10.07 6.33 21.59
N LEU A 105 9.05 6.02 20.77
CA LEU A 105 8.17 4.90 21.04
C LEU A 105 8.70 3.58 20.47
N GLY A 106 9.88 3.61 19.85
CA GLY A 106 10.46 2.43 19.23
C GLY A 106 10.02 2.18 17.80
N LEU A 107 9.25 3.09 17.21
CA LEU A 107 8.72 2.93 15.86
C LEU A 107 9.70 3.48 14.84
N ARG A 108 10.14 2.65 13.90
CA ARG A 108 10.89 3.15 12.76
C ARG A 108 9.93 3.81 11.76
N VAL A 109 10.48 4.64 10.87
CA VAL A 109 9.69 5.51 10.00
C VAL A 109 10.11 5.32 8.55
N LEU A 110 9.16 4.86 7.71
CA LEU A 110 9.37 4.80 6.26
C LEU A 110 8.60 5.93 5.59
N MET A 111 9.26 6.63 4.68
CA MET A 111 8.60 7.59 3.82
C MET A 111 8.34 6.95 2.46
N ASP A 112 7.61 7.66 1.62
CA ASP A 112 7.15 7.13 0.33
C ASP A 112 7.93 7.82 -0.78
N MET A 113 8.65 7.04 -1.58
CA MET A 113 9.44 7.62 -2.67
C MET A 113 8.62 7.51 -3.96
N VAL A 114 8.36 8.66 -4.58
CA VAL A 114 7.53 8.73 -5.78
C VAL A 114 8.36 9.35 -6.89
N ALA A 115 9.19 8.54 -7.54
CA ALA A 115 10.17 9.05 -8.49
C ALA A 115 9.89 8.67 -9.93
N ASN A 116 8.82 7.93 -10.21
CA ASN A 116 8.45 7.69 -11.60
C ASN A 116 7.96 8.96 -12.29
N HIS A 117 7.37 9.87 -11.51
CA HIS A 117 6.66 11.02 -12.06
C HIS A 117 6.59 12.08 -10.98
N CYS A 118 6.33 13.32 -11.38
CA CYS A 118 6.08 14.41 -10.45
C CYS A 118 4.77 15.08 -10.83
N SER A 119 4.33 16.03 -10.00
CA SER A 119 3.20 16.88 -10.34
C SER A 119 3.54 17.76 -11.54
N SER A 120 2.54 18.00 -12.38
CA SER A 120 2.73 19.00 -13.43
C SER A 120 3.02 20.40 -12.89
N ASP A 121 2.77 20.65 -11.59
CA ASP A 121 3.11 21.92 -10.96
C ASP A 121 4.54 21.95 -10.42
N HIS A 122 5.29 20.86 -10.57
CA HIS A 122 6.71 20.92 -10.19
C HIS A 122 7.41 21.96 -11.06
N ALA A 123 8.34 22.69 -10.47
CA ALA A 123 9.03 23.74 -11.23
C ALA A 123 9.66 23.20 -12.51
N TRP A 124 10.22 22.00 -12.48
CA TRP A 124 10.82 21.44 -13.70
C TRP A 124 9.79 21.31 -14.80
N PHE A 125 8.58 20.86 -14.46
CA PHE A 125 7.62 20.59 -15.53
C PHE A 125 7.00 21.88 -16.05
N GLN A 126 6.76 22.85 -15.16
CA GLN A 126 6.32 24.16 -15.63
C GLN A 126 7.35 24.77 -16.59
N ALA A 127 8.64 24.61 -16.28
CA ALA A 127 9.67 25.10 -17.19
C ALA A 127 9.62 24.36 -18.53
N ALA A 128 9.36 23.05 -18.49
CA ALA A 128 9.28 22.28 -19.73
C ALA A 128 8.11 22.75 -20.60
N LEU A 129 6.95 22.98 -19.98
CA LEU A 129 5.80 23.46 -20.74
C LEU A 129 6.10 24.81 -21.38
N ALA A 130 6.85 25.66 -20.68
CA ALA A 130 7.12 27.00 -21.17
C ALA A 130 8.24 27.03 -22.18
N ALA A 131 9.04 25.98 -22.26
CA ALA A 131 10.16 25.85 -23.18
C ALA A 131 9.68 25.29 -24.53
N GLU A 132 10.59 25.28 -25.50
CA GLU A 132 10.31 24.85 -26.86
C GLU A 132 10.61 23.37 -27.05
N PRO A 133 10.03 22.73 -28.06
CA PRO A 133 10.46 21.38 -28.41
C PRO A 133 11.97 21.29 -28.56
N GLY A 134 12.55 20.20 -28.06
CA GLY A 134 13.98 20.00 -28.16
C GLY A 134 14.81 20.65 -27.07
N SER A 135 14.18 21.35 -26.12
CA SER A 135 14.88 22.03 -25.04
C SER A 135 15.36 21.04 -23.98
N ASP A 136 16.37 21.46 -23.21
CA ASP A 136 16.77 20.63 -22.08
C ASP A 136 15.65 20.47 -21.08
N GLU A 137 14.81 21.50 -20.94
CA GLU A 137 13.73 21.43 -19.96
C GLU A 137 12.81 20.27 -20.30
N ARG A 138 12.43 20.15 -21.56
CA ARG A 138 11.59 19.04 -21.96
C ARG A 138 12.35 17.71 -21.95
N ALA A 139 13.67 17.73 -22.12
CA ALA A 139 14.43 16.48 -22.15
C ALA A 139 14.45 15.77 -20.79
N ARG A 140 14.07 16.44 -19.69
CA ARG A 140 13.96 15.78 -18.39
C ARG A 140 12.65 15.01 -18.23
N PHE A 141 11.73 15.19 -19.17
CA PHE A 141 10.45 14.48 -19.26
C PHE A 141 10.42 13.74 -20.59
N ILE A 142 9.24 13.26 -20.99
CA ILE A 142 9.10 12.47 -22.21
C ILE A 142 8.08 13.20 -23.09
N PHE A 143 8.57 14.14 -23.89
CA PHE A 143 7.78 14.89 -24.85
C PHE A 143 8.07 14.34 -26.24
N ARG A 144 7.03 14.11 -27.03
CA ARG A 144 7.21 13.60 -28.39
C ARG A 144 6.22 14.28 -29.32
N ASP A 145 6.60 14.41 -30.59
CA ASP A 145 5.62 14.85 -31.59
C ASP A 145 4.48 13.85 -31.72
N GLY A 146 3.30 14.37 -32.00
CA GLY A 146 2.19 13.49 -32.31
C GLY A 146 2.32 12.86 -33.68
N LEU A 147 1.50 11.84 -33.91
CA LEU A 147 1.40 11.19 -35.21
C LEU A 147 0.19 11.74 -35.97
N GLY A 148 0.11 11.37 -37.25
CA GLY A 148 -0.93 11.90 -38.10
C GLY A 148 -0.48 13.19 -38.77
N PRO A 149 -1.18 13.58 -39.83
CA PRO A 149 -0.74 14.77 -40.58
C PRO A 149 -0.70 16.04 -39.77
N ASP A 150 -1.50 16.14 -38.70
CA ASP A 150 -1.51 17.35 -37.88
C ASP A 150 -1.08 17.05 -36.44
N GLY A 151 -0.47 15.89 -36.21
CA GLY A 151 -0.02 15.52 -34.88
C GLY A 151 -1.14 15.21 -33.92
N GLU A 152 -2.33 14.89 -34.42
CA GLU A 152 -3.51 14.74 -33.56
C GLU A 152 -3.60 13.35 -32.92
N LEU A 153 -2.77 12.39 -33.34
CA LEU A 153 -2.66 11.06 -32.74
C LEU A 153 -1.58 11.05 -31.66
N PRO A 154 -1.78 10.36 -30.54
CA PRO A 154 -0.71 10.28 -29.52
C PRO A 154 0.51 9.56 -30.08
N PRO A 155 1.68 9.82 -29.52
CA PRO A 155 2.92 9.25 -30.10
C PRO A 155 2.96 7.73 -30.11
N ASN A 156 2.28 7.07 -29.17
CA ASN A 156 2.13 5.62 -29.25
C ASN A 156 0.79 5.26 -28.59
N ASN A 157 0.53 3.96 -28.47
CA ASN A 157 -0.80 3.48 -28.08
C ASN A 157 -0.91 3.18 -26.59
N TRP A 158 -0.03 3.74 -25.75
CA TRP A 158 -0.05 3.33 -24.35
C TRP A 158 -1.24 3.92 -23.59
N ASP A 159 -1.70 3.17 -22.59
CA ASP A 159 -2.83 3.50 -21.74
C ASP A 159 -2.32 4.06 -20.43
N SER A 160 -2.99 5.09 -19.92
CA SER A 160 -2.80 5.45 -18.51
C SER A 160 -3.33 4.35 -17.61
N VAL A 161 -2.63 4.11 -16.50
CA VAL A 161 -3.13 3.17 -15.48
C VAL A 161 -4.49 3.61 -14.97
N PHE A 162 -4.77 4.91 -14.98
CA PHE A 162 -6.03 5.44 -14.46
C PHE A 162 -7.10 5.53 -15.53
N GLY A 163 -6.85 4.99 -16.71
CA GLY A 163 -7.80 5.05 -17.80
C GLY A 163 -7.47 6.17 -18.78
N GLY A 164 -7.86 5.97 -20.04
CA GLY A 164 -7.55 6.97 -21.05
C GLY A 164 -6.13 6.85 -21.56
N LEU A 165 -5.73 7.85 -22.37
CA LEU A 165 -4.41 7.86 -22.98
C LEU A 165 -3.32 8.11 -21.94
N ALA A 166 -2.16 7.54 -22.19
CA ALA A 166 -0.97 7.86 -21.41
C ALA A 166 -0.25 9.10 -21.91
N TRP A 167 -0.88 9.89 -22.77
CA TRP A 167 -0.26 11.09 -23.31
C TRP A 167 -1.25 12.24 -23.28
N THR A 168 -0.71 13.45 -23.06
CA THR A 168 -1.48 14.69 -23.09
C THR A 168 -0.81 15.67 -24.04
N ARG A 169 -1.59 16.28 -24.94
CA ARG A 169 -1.03 17.21 -25.92
C ARG A 169 -1.00 18.62 -25.35
N VAL A 170 0.10 19.33 -25.61
CA VAL A 170 0.26 20.67 -25.07
C VAL A 170 0.10 21.71 -26.17
N THR A 171 -0.18 22.94 -25.74
CA THR A 171 -0.18 24.11 -26.63
C THR A 171 1.21 24.73 -26.64
N GLU A 172 1.72 25.03 -27.82
CA GLU A 172 3.05 25.62 -27.98
C GLU A 172 2.94 27.14 -27.97
N ARG A 173 4.09 27.82 -28.00
CA ARG A 173 3.99 29.26 -27.81
C ARG A 173 3.41 29.98 -29.01
N ASP A 174 3.31 29.34 -30.18
CA ASP A 174 2.52 29.96 -31.24
C ASP A 174 1.02 29.81 -31.04
N GLY A 175 0.58 29.18 -29.94
CA GLY A 175 -0.81 29.01 -29.64
C GLY A 175 -1.48 27.82 -30.30
N ARG A 176 -0.74 27.03 -31.04
CA ARG A 176 -1.32 25.87 -31.70
C ARG A 176 -0.90 24.61 -30.96
N PRO A 177 -1.67 23.52 -31.08
CA PRO A 177 -1.24 22.27 -30.44
C PRO A 177 0.07 21.78 -31.01
N GLY A 178 0.83 21.09 -30.17
CA GLY A 178 2.14 20.59 -30.58
C GLY A 178 2.46 19.25 -29.96
N GLN A 179 3.53 19.19 -29.18
CA GLN A 179 4.00 17.91 -28.66
C GLN A 179 3.06 17.38 -27.58
N TRP A 180 3.22 16.08 -27.30
CA TRP A 180 2.52 15.38 -26.24
C TRP A 180 3.53 14.95 -25.20
N TYR A 181 3.12 14.87 -23.93
CA TYR A 181 4.01 14.32 -22.91
C TYR A 181 3.39 13.07 -22.29
N LEU A 182 4.27 12.17 -21.88
CA LEU A 182 3.88 10.88 -21.30
C LEU A 182 3.54 11.00 -19.83
N HIS A 183 2.44 10.36 -19.42
CA HIS A 183 2.11 10.19 -18.00
C HIS A 183 1.52 8.80 -17.83
N SER A 184 2.22 7.95 -17.09
CA SER A 184 1.70 6.61 -16.81
C SER A 184 0.43 6.65 -15.99
N PHE A 185 0.26 7.67 -15.16
CA PHE A 185 -0.88 7.80 -14.27
C PHE A 185 -1.70 9.02 -14.72
N ASP A 186 -2.01 9.98 -13.86
CA ASP A 186 -2.91 11.07 -14.23
C ASP A 186 -2.22 12.02 -15.20
N THR A 187 -3.04 12.79 -15.93
CA THR A 187 -2.50 13.85 -16.79
C THR A 187 -1.60 14.80 -16.00
N SER A 188 -1.88 14.98 -14.71
CA SER A 188 -1.12 15.88 -13.86
C SER A 188 0.11 15.23 -13.24
N GLN A 189 0.50 14.05 -13.73
CA GLN A 189 1.67 13.33 -13.24
C GLN A 189 2.59 12.97 -14.40
N PRO A 190 3.23 13.96 -15.02
CA PRO A 190 4.22 13.66 -16.08
C PRO A 190 5.34 12.74 -15.60
N ASP A 191 5.69 11.76 -16.43
CA ASP A 191 6.80 10.84 -16.11
C ASP A 191 8.14 11.50 -16.40
N PHE A 192 9.10 11.31 -15.51
CA PHE A 192 10.47 11.73 -15.79
C PHE A 192 11.08 10.91 -16.92
N ASP A 193 12.04 11.50 -17.62
CA ASP A 193 12.98 10.73 -18.45
C ASP A 193 14.16 10.31 -17.58
N TRP A 194 14.15 9.04 -17.16
CA TRP A 194 15.18 8.54 -16.26
C TRP A 194 16.54 8.38 -16.94
N ARG A 195 16.62 8.59 -18.26
CA ARG A 195 17.91 8.64 -18.93
C ARG A 195 18.50 10.04 -18.93
N HIS A 196 17.76 11.04 -18.47
CA HIS A 196 18.34 12.36 -18.34
C HIS A 196 19.14 12.42 -17.03
N PRO A 197 20.41 12.81 -17.07
CA PRO A 197 21.24 12.71 -15.86
C PRO A 197 20.72 13.53 -14.69
N ALA A 198 19.97 14.61 -14.91
CA ALA A 198 19.51 15.40 -13.77
C ALA A 198 18.51 14.63 -12.90
N VAL A 199 17.83 13.63 -13.45
CA VAL A 199 16.79 12.94 -12.69
C VAL A 199 17.41 12.10 -11.57
N ALA A 200 18.36 11.23 -11.91
CA ALA A 200 19.00 10.41 -10.88
C ALA A 200 19.69 11.28 -9.84
N GLU A 201 20.33 12.37 -10.27
CA GLU A 201 21.00 13.27 -9.32
C GLU A 201 20.00 13.83 -8.33
N HIS A 202 18.85 14.29 -8.83
CA HIS A 202 17.82 14.83 -7.96
C HIS A 202 17.37 13.82 -6.92
N PHE A 203 17.16 12.56 -7.33
CA PHE A 203 16.59 11.63 -6.36
C PHE A 203 17.62 11.12 -5.36
N GLU A 204 18.90 11.13 -5.71
CA GLU A 204 19.91 10.88 -4.68
C GLU A 204 19.90 11.99 -3.64
N ASN A 205 19.70 13.23 -4.09
CA ASN A 205 19.58 14.35 -3.15
C ASN A 205 18.33 14.23 -2.29
N VAL A 206 17.23 13.74 -2.86
CA VAL A 206 16.00 13.55 -2.08
C VAL A 206 16.23 12.51 -0.98
N LEU A 207 16.85 11.39 -1.34
CA LEU A 207 17.13 10.35 -0.35
C LEU A 207 17.98 10.92 0.77
N ARG A 208 19.08 11.59 0.41
CA ARG A 208 20.00 12.11 1.43
C ARG A 208 19.30 13.11 2.33
N PHE A 209 18.46 13.97 1.75
CA PHE A 209 17.77 14.98 2.54
C PHE A 209 16.92 14.33 3.63
N TRP A 210 16.08 13.36 3.26
CA TRP A 210 15.16 12.77 4.23
C TRP A 210 15.91 11.86 5.20
N PHE A 211 16.92 11.13 4.72
CA PHE A 211 17.71 10.30 5.62
C PHE A 211 18.41 11.14 6.68
N GLU A 212 18.84 12.34 6.31
CA GLU A 212 19.48 13.21 7.29
C GLU A 212 18.54 13.53 8.46
N ARG A 213 17.24 13.56 8.21
CA ARG A 213 16.25 13.88 9.24
C ARG A 213 15.84 12.66 10.06
N GLY A 214 16.52 11.54 9.88
CA GLY A 214 16.26 10.35 10.67
C GLY A 214 15.27 9.37 10.06
N VAL A 215 14.79 9.64 8.85
CA VAL A 215 13.94 8.66 8.16
C VAL A 215 14.72 7.35 8.01
N ASP A 216 14.05 6.23 8.31
CA ASP A 216 14.70 4.92 8.40
C ASP A 216 14.69 4.16 7.08
N GLY A 217 13.92 4.64 6.10
CA GLY A 217 13.85 3.96 4.83
C GLY A 217 12.71 4.48 4.00
N PHE A 218 12.54 3.86 2.82
CA PHE A 218 11.50 4.26 1.89
C PHE A 218 10.73 3.05 1.37
N ARG A 219 9.42 3.24 1.29
CA ARG A 219 8.58 2.45 0.40
C ARG A 219 8.64 3.08 -0.98
N ILE A 220 8.92 2.28 -2.02
CA ILE A 220 9.19 2.82 -3.35
C ILE A 220 7.94 2.64 -4.22
N ASP A 221 7.32 3.77 -4.57
CA ASP A 221 6.13 3.80 -5.41
C ASP A 221 6.50 3.41 -6.84
N VAL A 222 5.64 2.60 -7.49
CA VAL A 222 5.88 2.10 -8.85
C VAL A 222 7.33 1.63 -9.04
N ALA A 223 7.74 0.66 -8.23
CA ALA A 223 9.15 0.26 -8.30
C ALA A 223 9.48 -0.40 -9.64
N HIS A 224 8.48 -0.91 -10.36
CA HIS A 224 8.67 -1.43 -11.70
C HIS A 224 8.65 -0.34 -12.75
N GLY A 225 8.56 0.93 -12.34
CA GLY A 225 8.55 2.04 -13.28
C GLY A 225 9.93 2.65 -13.47
N HIS A 226 9.97 3.99 -13.58
CA HIS A 226 11.17 4.78 -13.85
C HIS A 226 11.63 4.60 -15.29
N PHE A 227 12.27 3.49 -15.61
CA PHE A 227 12.75 3.32 -16.97
C PHE A 227 11.70 2.67 -17.86
N LYS A 228 11.56 3.20 -19.07
CA LYS A 228 10.81 2.55 -20.15
C LYS A 228 11.78 2.16 -21.25
N ASP A 229 11.30 1.33 -22.17
CA ASP A 229 12.04 1.06 -23.40
C ASP A 229 12.34 2.37 -24.12
N ALA A 230 13.60 2.60 -24.46
CA ALA A 230 14.01 3.89 -25.02
C ALA A 230 13.29 4.22 -26.32
N ALA A 231 12.82 3.22 -27.05
CA ALA A 231 12.10 3.47 -28.30
C ALA A 231 10.61 3.69 -28.10
N LEU A 232 10.10 3.54 -26.88
CA LEU A 232 8.68 3.71 -26.56
C LEU A 232 7.78 2.96 -27.56
N PRO A 233 8.05 1.69 -27.82
CA PRO A 233 7.28 0.98 -28.85
C PRO A 233 5.82 0.81 -28.45
N ASP A 234 4.94 0.83 -29.45
CA ASP A 234 3.56 0.44 -29.25
C ASP A 234 3.50 -0.91 -28.53
N HIS A 235 2.52 -1.05 -27.65
CA HIS A 235 2.17 -2.31 -27.02
C HIS A 235 1.43 -3.15 -28.04
N PRO A 236 2.00 -4.26 -28.52
CA PRO A 236 1.30 -5.06 -29.53
C PRO A 236 0.01 -5.67 -29.02
N GLY A 237 -0.11 -5.88 -27.72
CA GLY A 237 -1.36 -6.37 -27.16
C GLY A 237 -2.52 -5.39 -27.27
N GLY A 238 -2.21 -4.10 -27.43
CA GLY A 238 -3.26 -3.12 -27.58
C GLY A 238 -3.71 -2.48 -26.28
N ARG A 239 -4.97 -2.04 -26.22
CA ARG A 239 -5.49 -1.37 -25.05
C ARG A 239 -6.46 -2.22 -24.24
N GLY A 240 -6.83 -3.39 -24.76
CA GLY A 240 -7.99 -4.11 -24.28
C GLY A 240 -7.75 -4.81 -22.97
N PRO A 241 -8.82 -5.42 -22.45
CA PRO A 241 -8.73 -6.08 -21.14
C PRO A 241 -7.64 -7.13 -21.07
N ASP A 242 -7.53 -7.96 -22.11
CA ASP A 242 -6.55 -9.03 -22.18
C ASP A 242 -5.37 -8.65 -23.07
N ALA A 243 -5.07 -7.35 -23.14
CA ALA A 243 -3.87 -6.90 -23.87
C ALA A 243 -2.61 -7.41 -23.20
N GLY A 244 -2.66 -7.61 -21.89
CA GLY A 244 -1.50 -8.10 -21.17
C GLY A 244 -0.61 -6.98 -20.66
N HIS A 245 0.41 -7.42 -19.94
CA HIS A 245 1.44 -6.51 -19.43
C HIS A 245 2.14 -5.80 -20.59
N ASN A 246 2.24 -4.48 -20.51
CA ASN A 246 2.93 -3.69 -21.52
C ASN A 246 4.43 -3.78 -21.21
N HIS A 247 5.13 -4.66 -21.90
CA HIS A 247 6.54 -4.90 -21.56
C HIS A 247 7.43 -3.69 -21.83
N GLY A 248 7.05 -2.82 -22.78
CA GLY A 248 7.86 -1.65 -23.08
C GLY A 248 7.71 -0.51 -22.11
N MET A 249 6.65 -0.53 -21.30
CA MET A 249 6.31 0.60 -20.44
C MET A 249 6.81 0.41 -19.00
N TRP A 250 7.27 -0.79 -18.65
CA TRP A 250 7.62 -1.14 -17.28
C TRP A 250 8.82 -2.08 -17.26
N ASP A 251 9.41 -2.23 -16.07
CA ASP A 251 10.28 -3.36 -15.72
C ASP A 251 11.41 -3.53 -16.74
N GLN A 252 12.22 -2.49 -16.87
CA GLN A 252 13.35 -2.43 -17.78
C GLN A 252 14.64 -2.74 -17.05
N PRO A 253 15.68 -3.17 -17.77
CA PRO A 253 16.91 -3.61 -17.09
C PRO A 253 17.56 -2.52 -16.26
N GLU A 254 17.49 -1.28 -16.72
CA GLU A 254 18.16 -0.17 -16.05
C GLU A 254 17.64 0.07 -14.64
N VAL A 255 16.43 -0.40 -14.33
CA VAL A 255 15.87 -0.11 -13.01
C VAL A 255 16.66 -0.86 -11.94
N HIS A 256 17.28 -1.99 -12.30
CA HIS A 256 18.06 -2.71 -11.30
C HIS A 256 19.35 -1.97 -10.96
N ASP A 257 19.98 -1.30 -11.94
CA ASP A 257 21.12 -0.46 -11.62
C ASP A 257 20.71 0.68 -10.70
N LEU A 258 19.50 1.23 -10.91
CA LEU A 258 19.02 2.29 -10.04
C LEU A 258 18.94 1.83 -8.59
N TYR A 259 18.37 0.64 -8.35
CA TYR A 259 18.21 0.18 -6.98
C TYR A 259 19.54 -0.27 -6.38
N ARG A 260 20.47 -0.73 -7.21
CA ARG A 260 21.83 -0.96 -6.69
C ARG A 260 22.41 0.33 -6.14
N SER A 261 22.21 1.45 -6.85
CA SER A 261 22.74 2.72 -6.40
C SER A 261 22.03 3.21 -5.13
N TRP A 262 20.72 3.05 -5.06
CA TRP A 262 20.00 3.47 -3.86
C TRP A 262 20.37 2.59 -2.66
N ARG A 263 20.52 1.28 -2.88
CA ARG A 263 20.90 0.38 -1.79
C ARG A 263 22.29 0.71 -1.28
N ALA A 264 23.21 1.05 -2.19
CA ALA A 264 24.55 1.41 -1.75
C ALA A 264 24.53 2.70 -0.94
N LEU A 265 23.66 3.64 -1.34
CA LEU A 265 23.52 4.88 -0.59
C LEU A 265 22.96 4.59 0.80
N GLY A 266 21.90 3.79 0.86
CA GLY A 266 21.30 3.48 2.15
C GLY A 266 22.19 2.66 3.05
N ASP A 267 23.05 1.81 2.46
CA ASP A 267 23.93 0.95 3.25
C ASP A 267 25.08 1.71 3.88
N ALA A 268 25.28 2.98 3.52
CA ALA A 268 26.35 3.77 4.13
C ALA A 268 25.97 4.29 5.51
N TYR A 269 24.70 4.21 5.89
CA TYR A 269 24.22 4.62 7.20
C TYR A 269 24.29 3.47 8.21
N GLU A 270 24.27 3.83 9.49
CA GLU A 270 24.23 2.86 10.58
C GLU A 270 23.11 3.20 11.55
N PRO A 271 22.07 2.36 11.67
CA PRO A 271 21.83 1.14 10.89
C PRO A 271 21.57 1.44 9.43
N GLU A 272 21.72 0.46 8.55
CA GLU A 272 21.46 0.71 7.15
C GLU A 272 20.00 1.02 6.91
N LYS A 273 19.75 1.86 5.92
CA LYS A 273 18.39 2.22 5.55
C LYS A 273 17.68 1.03 4.91
N TYR A 274 16.35 1.13 4.81
CA TYR A 274 15.51 0.04 4.39
C TYR A 274 14.69 0.43 3.17
N PHE A 275 14.57 -0.47 2.19
CA PHE A 275 13.79 -0.21 0.98
C PHE A 275 12.80 -1.35 0.75
N VAL A 276 11.51 -1.02 0.69
CA VAL A 276 10.48 -1.98 0.28
C VAL A 276 9.81 -1.46 -0.98
N GLY A 277 9.78 -2.30 -2.01
CA GLY A 277 9.26 -1.89 -3.31
C GLY A 277 7.78 -2.22 -3.47
N GLU A 278 7.05 -1.28 -4.07
CA GLU A 278 5.72 -1.57 -4.59
C GLU A 278 5.88 -2.03 -6.03
N ILE A 279 5.84 -3.34 -6.27
CA ILE A 279 6.17 -3.89 -7.58
C ILE A 279 4.97 -4.67 -8.09
N TRP A 280 4.49 -4.32 -9.27
CA TRP A 280 3.43 -5.08 -9.95
C TRP A 280 3.96 -5.58 -11.28
N VAL A 281 4.49 -6.81 -11.30
CA VAL A 281 4.91 -7.45 -12.54
C VAL A 281 4.34 -8.87 -12.52
N PRO A 282 3.93 -9.42 -13.66
CA PRO A 282 3.29 -10.76 -13.61
C PRO A 282 4.23 -11.89 -13.23
N SER A 283 5.49 -11.86 -13.65
CA SER A 283 6.37 -13.01 -13.49
C SER A 283 7.05 -12.99 -12.12
N PRO A 284 6.92 -14.05 -11.31
CA PRO A 284 7.66 -14.06 -10.03
C PRO A 284 9.16 -14.02 -10.20
N ASP A 285 9.70 -14.56 -11.29
CA ASP A 285 11.15 -14.51 -11.51
C ASP A 285 11.60 -13.08 -11.76
N ARG A 286 10.79 -12.30 -12.51
CA ARG A 286 11.06 -10.88 -12.72
C ARG A 286 10.99 -10.11 -11.40
N LEU A 287 9.99 -10.40 -10.58
CA LEU A 287 9.87 -9.76 -9.27
C LEU A 287 11.07 -10.09 -8.41
N ALA A 288 11.49 -11.35 -8.40
CA ALA A 288 12.58 -11.75 -7.50
C ALA A 288 13.86 -10.99 -7.80
N ASP A 289 14.05 -10.54 -9.03
CA ASP A 289 15.29 -9.85 -9.36
C ASP A 289 15.40 -8.53 -8.61
N TYR A 290 14.26 -7.91 -8.26
CA TYR A 290 14.29 -6.69 -7.46
C TYR A 290 14.80 -6.93 -6.05
N LEU A 291 14.78 -8.19 -5.58
CA LEU A 291 15.11 -8.52 -4.20
C LEU A 291 16.47 -9.20 -4.08
N ARG A 292 17.28 -9.14 -5.13
CA ARG A 292 18.63 -9.68 -5.04
C ARG A 292 19.40 -8.90 -3.98
N PRO A 293 20.45 -9.50 -3.41
CA PRO A 293 21.04 -8.96 -2.17
C PRO A 293 21.60 -7.56 -2.27
N ASP A 294 21.90 -7.06 -3.49
CA ASP A 294 22.41 -5.72 -3.68
C ASP A 294 21.34 -4.74 -4.12
N GLU A 295 20.07 -5.15 -4.09
CA GLU A 295 18.97 -4.27 -4.52
C GLU A 295 18.03 -4.01 -3.35
N LEU A 296 16.74 -4.22 -3.53
CA LEU A 296 15.77 -3.84 -2.49
C LEU A 296 15.66 -4.91 -1.43
N HIS A 297 15.40 -4.49 -0.18
CA HIS A 297 15.24 -5.45 0.89
C HIS A 297 13.99 -6.31 0.73
N ASN A 298 12.92 -5.75 0.19
CA ASN A 298 11.70 -6.53 0.10
C ASN A 298 10.74 -5.84 -0.87
N ALA A 299 9.60 -6.49 -1.08
CA ALA A 299 8.54 -6.04 -1.96
C ALA A 299 7.25 -6.64 -1.44
N PHE A 300 6.14 -5.90 -1.56
CA PHE A 300 4.87 -6.43 -1.08
C PHE A 300 4.50 -7.68 -1.85
N SER A 301 3.95 -8.66 -1.14
CA SER A 301 3.53 -9.93 -1.75
C SER A 301 2.07 -9.76 -2.17
N PHE A 302 1.87 -9.21 -3.38
CA PHE A 302 0.52 -8.84 -3.75
C PHE A 302 -0.33 -10.01 -4.20
N ASP A 303 0.30 -11.16 -4.50
CA ASP A 303 -0.49 -12.33 -4.88
C ASP A 303 -1.51 -12.67 -3.80
N LEU A 304 -1.10 -12.66 -2.54
CA LEU A 304 -2.04 -12.99 -1.46
C LEU A 304 -3.15 -11.95 -1.35
N LEU A 305 -2.80 -10.67 -1.53
CA LEU A 305 -3.78 -9.59 -1.37
C LEU A 305 -4.95 -9.72 -2.34
N VAL A 306 -4.70 -10.23 -3.56
CA VAL A 306 -5.75 -10.29 -4.56
C VAL A 306 -6.50 -11.62 -4.56
N GLN A 307 -6.21 -12.54 -3.61
CA GLN A 307 -6.90 -13.83 -3.64
C GLN A 307 -8.29 -13.72 -3.02
N PRO A 308 -9.28 -14.43 -3.57
CA PRO A 308 -10.57 -14.56 -2.89
C PRO A 308 -10.41 -15.45 -1.66
N TRP A 309 -11.45 -15.43 -0.82
CA TRP A 309 -11.45 -16.31 0.35
C TRP A 309 -11.54 -17.76 -0.12
N ASN A 310 -10.40 -18.46 -0.13
CA ASN A 310 -10.29 -19.80 -0.66
C ASN A 310 -8.97 -20.41 -0.19
N ALA A 311 -9.02 -21.57 0.47
CA ALA A 311 -7.82 -22.13 1.08
C ALA A 311 -6.73 -22.40 0.03
N ASP A 312 -7.11 -23.02 -1.09
CA ASP A 312 -6.14 -23.39 -2.11
C ASP A 312 -5.49 -22.15 -2.73
N ARG A 313 -6.27 -21.10 -3.01
CA ARG A 313 -5.70 -19.89 -3.59
C ARG A 313 -4.80 -19.19 -2.59
N PHE A 314 -5.18 -19.17 -1.31
CA PHE A 314 -4.32 -18.60 -0.29
C PHE A 314 -2.98 -19.36 -0.22
N ARG A 315 -3.05 -20.70 -0.15
CA ARG A 315 -1.82 -21.49 -0.07
C ARG A 315 -0.90 -21.22 -1.25
N LYS A 316 -1.43 -21.24 -2.47
CA LYS A 316 -0.59 -20.99 -3.63
C LYS A 316 0.05 -19.61 -3.58
N ALA A 317 -0.69 -18.59 -3.13
CA ALA A 317 -0.15 -17.24 -3.04
C ALA A 317 0.90 -17.13 -1.95
N ILE A 318 0.68 -17.82 -0.84
CA ILE A 318 1.68 -17.87 0.22
C ILE A 318 2.94 -18.57 -0.27
N GLU A 319 2.78 -19.66 -1.03
CA GLU A 319 3.94 -20.34 -1.58
C GLU A 319 4.74 -19.43 -2.51
N THR A 320 4.04 -18.68 -3.36
CA THR A 320 4.74 -17.76 -4.27
C THR A 320 5.48 -16.69 -3.48
N GLY A 321 4.82 -16.09 -2.49
CA GLY A 321 5.48 -15.08 -1.68
C GLY A 321 6.72 -15.61 -0.98
N LEU A 322 6.63 -16.83 -0.44
CA LEU A 322 7.78 -17.38 0.29
C LEU A 322 8.95 -17.66 -0.62
N ALA A 323 8.71 -18.04 -1.87
CA ALA A 323 9.81 -18.28 -2.80
C ALA A 323 10.46 -16.96 -3.21
N VAL A 324 9.65 -15.98 -3.62
CA VAL A 324 10.16 -14.69 -4.09
C VAL A 324 10.89 -13.97 -2.95
N GLY A 325 10.34 -14.02 -1.75
CA GLY A 325 10.91 -13.36 -0.60
C GLY A 325 12.05 -14.08 0.06
N ARG A 326 12.47 -15.22 -0.49
CA ARG A 326 13.54 -16.03 0.10
C ARG A 326 13.23 -16.37 1.56
N GLY A 327 11.95 -16.57 1.87
CA GLY A 327 11.53 -17.04 3.17
C GLY A 327 11.00 -15.99 4.11
N TRP A 328 11.22 -14.70 3.85
CA TRP A 328 10.69 -13.63 4.73
C TRP A 328 10.11 -12.50 3.89
N PRO A 329 8.97 -12.73 3.25
CA PRO A 329 8.37 -11.68 2.42
C PRO A 329 7.71 -10.60 3.27
N ALA A 330 7.27 -9.56 2.56
CA ALA A 330 6.47 -8.47 3.14
C ALA A 330 5.01 -8.74 2.79
N TRP A 331 4.22 -9.14 3.77
CA TRP A 331 2.82 -9.48 3.57
C TRP A 331 1.94 -8.25 3.74
N THR A 332 0.83 -8.22 3.00
CA THR A 332 -0.21 -7.23 3.28
C THR A 332 -1.53 -7.71 2.69
N LEU A 333 -2.62 -7.38 3.40
CA LEU A 333 -3.95 -7.79 2.98
C LEU A 333 -4.78 -6.62 2.46
N ALA A 334 -4.31 -5.39 2.62
CA ALA A 334 -5.04 -4.22 2.14
C ALA A 334 -4.07 -3.05 2.10
N ASN A 335 -4.44 -2.04 1.33
CA ASN A 335 -3.70 -0.78 1.33
C ASN A 335 -4.64 0.29 0.79
N HIS A 336 -4.10 1.47 0.51
CA HIS A 336 -4.88 2.62 0.08
C HIS A 336 -5.35 2.53 -1.38
N ASP A 337 -5.04 1.45 -2.09
CA ASP A 337 -5.36 1.29 -3.51
C ASP A 337 -6.43 0.23 -3.78
N VAL A 338 -6.89 -0.51 -2.76
CA VAL A 338 -7.77 -1.66 -2.97
C VAL A 338 -8.88 -1.62 -1.93
N HIS A 339 -9.90 -2.45 -2.15
CA HIS A 339 -11.00 -2.50 -1.20
C HIS A 339 -10.55 -3.14 0.12
N ARG A 340 -11.07 -2.61 1.22
CA ARG A 340 -10.78 -3.15 2.54
C ARG A 340 -11.18 -4.62 2.64
N ALA A 341 -10.44 -5.37 3.48
CA ALA A 341 -10.64 -6.83 3.52
C ALA A 341 -12.04 -7.21 3.99
N VAL A 342 -12.62 -6.48 4.94
CA VAL A 342 -13.97 -6.82 5.40
C VAL A 342 -14.95 -6.82 4.24
N THR A 343 -14.78 -5.90 3.29
CA THR A 343 -15.65 -5.87 2.11
C THR A 343 -15.29 -6.99 1.12
N ARG A 344 -13.99 -7.18 0.86
CA ARG A 344 -13.58 -8.18 -0.13
C ARG A 344 -14.09 -9.56 0.26
N TYR A 345 -13.91 -9.93 1.52
CA TYR A 345 -14.29 -11.26 1.97
C TYR A 345 -15.78 -11.37 2.29
N GLY A 346 -16.46 -10.23 2.49
CA GLY A 346 -17.88 -10.26 2.78
C GLY A 346 -18.75 -10.37 1.55
N GLN A 347 -18.22 -9.98 0.41
CA GLN A 347 -18.91 -10.15 -0.86
C GLN A 347 -18.99 -11.63 -1.21
N GLU A 348 -19.85 -11.94 -2.18
CA GLU A 348 -19.84 -13.28 -2.73
C GLU A 348 -18.54 -13.50 -3.49
N GLN A 349 -17.86 -14.59 -3.19
CA GLN A 349 -16.58 -14.85 -3.82
C GLN A 349 -16.76 -15.37 -5.23
N PRO A 350 -15.88 -14.99 -6.17
CA PRO A 350 -15.96 -15.47 -7.55
C PRO A 350 -15.67 -16.97 -7.67
N MET A 359 -4.88 -8.00 -12.49
CA MET A 359 -4.64 -8.55 -11.16
C MET A 359 -5.37 -7.75 -10.09
N ILE A 360 -5.06 -6.44 -10.02
CA ILE A 360 -5.62 -5.62 -8.95
C ILE A 360 -7.14 -5.54 -9.03
N ALA A 361 -7.73 -5.81 -10.19
CA ALA A 361 -9.18 -5.75 -10.33
C ALA A 361 -9.87 -6.73 -9.39
N ALA A 362 -9.22 -7.87 -9.11
CA ALA A 362 -9.78 -8.86 -8.21
C ALA A 362 -9.99 -8.31 -6.79
N ALA A 363 -9.25 -7.26 -6.41
CA ALA A 363 -9.36 -6.65 -5.10
C ALA A 363 -10.28 -5.43 -5.09
N ARG A 364 -11.05 -5.22 -6.17
CA ARG A 364 -11.92 -4.05 -6.31
C ARG A 364 -13.32 -4.45 -6.77
N ARG A 365 -13.77 -5.65 -6.41
CA ARG A 365 -15.05 -6.12 -6.90
C ARG A 365 -16.20 -5.32 -6.29
N ARG A 366 -17.26 -5.18 -7.07
CA ARG A 366 -18.49 -4.55 -6.62
C ARG A 366 -19.47 -5.62 -6.20
N GLY A 367 -20.52 -5.19 -5.51
CA GLY A 367 -21.56 -6.11 -5.12
C GLY A 367 -21.78 -6.11 -3.63
N PRO A 368 -22.91 -6.70 -3.21
CA PRO A 368 -23.28 -6.66 -1.79
C PRO A 368 -22.26 -7.40 -0.95
N ALA A 369 -21.84 -6.77 0.14
CA ALA A 369 -20.97 -7.37 1.13
C ALA A 369 -21.75 -7.64 2.40
N ASP A 370 -21.74 -8.88 2.86
CA ASP A 370 -22.32 -9.21 4.15
C ASP A 370 -21.31 -8.87 5.25
N LEU A 371 -21.71 -7.98 6.16
CA LEU A 371 -20.78 -7.47 7.15
C LEU A 371 -20.30 -8.55 8.10
N ASP A 372 -21.22 -9.37 8.63
CA ASP A 372 -20.80 -10.38 9.60
C ASP A 372 -19.88 -11.42 8.95
N ARG A 373 -20.17 -11.82 7.71
CA ARG A 373 -19.27 -12.73 7.00
C ARG A 373 -17.91 -12.09 6.78
N GLY A 374 -17.89 -10.84 6.34
CA GLY A 374 -16.62 -10.18 6.08
C GLY A 374 -15.78 -9.98 7.32
N LEU A 375 -16.43 -9.63 8.44
CA LEU A 375 -15.70 -9.50 9.70
C LEU A 375 -15.09 -10.83 10.15
N ARG A 376 -15.89 -11.90 10.12
CA ARG A 376 -15.39 -13.23 10.46
C ARG A 376 -14.15 -13.59 9.65
N ARG A 377 -14.23 -13.44 8.33
CA ARG A 377 -13.14 -13.83 7.46
C ARG A 377 -11.96 -12.89 7.60
N ALA A 378 -12.22 -11.59 7.78
CA ALA A 378 -11.11 -10.64 7.96
C ALA A 378 -10.34 -10.93 9.25
N ARG A 379 -11.04 -11.33 10.31
CA ARG A 379 -10.38 -11.76 11.54
C ARG A 379 -9.50 -12.97 11.29
N ALA A 380 -10.05 -13.99 10.60
CA ALA A 380 -9.28 -15.20 10.33
C ALA A 380 -8.07 -14.89 9.45
N ALA A 381 -8.25 -14.00 8.48
CA ALA A 381 -7.17 -13.68 7.54
C ALA A 381 -6.07 -12.90 8.24
N ALA A 382 -6.44 -11.92 9.06
CA ALA A 382 -5.41 -11.21 9.84
C ALA A 382 -4.61 -12.19 10.69
N ALA A 383 -5.30 -13.13 11.33
CA ALA A 383 -4.61 -14.08 12.21
C ALA A 383 -3.71 -15.02 11.42
N LEU A 384 -4.14 -15.42 10.22
CA LEU A 384 -3.28 -16.23 9.37
C LEU A 384 -2.07 -15.44 8.90
N ALA A 385 -2.29 -14.24 8.36
CA ALA A 385 -1.18 -13.51 7.76
C ALA A 385 -0.13 -13.11 8.78
N LEU A 386 -0.55 -12.80 10.00
CA LEU A 386 0.40 -12.40 11.04
C LEU A 386 1.21 -13.58 11.56
N ALA A 387 0.81 -14.82 11.24
CA ALA A 387 1.61 -16.00 11.57
C ALA A 387 2.60 -16.38 10.48
N LEU A 388 2.58 -15.71 9.33
CA LEU A 388 3.51 -16.06 8.27
C LEU A 388 4.89 -15.48 8.56
N PRO A 389 5.96 -16.19 8.23
CA PRO A 389 7.31 -15.65 8.42
C PRO A 389 7.48 -14.40 7.56
N GLY A 390 8.13 -13.39 8.14
CA GLY A 390 8.40 -12.16 7.42
C GLY A 390 7.81 -10.94 8.10
N SER A 391 7.60 -9.90 7.32
CA SER A 391 7.04 -8.65 7.79
C SER A 391 5.59 -8.53 7.33
N MET A 392 4.84 -7.66 8.00
CA MET A 392 3.40 -7.54 7.75
C MET A 392 3.06 -6.06 7.76
N TYR A 393 2.35 -5.59 6.73
CA TYR A 393 1.92 -4.19 6.64
C TYR A 393 0.43 -4.11 6.91
N LEU A 394 0.06 -3.40 7.98
CA LEU A 394 -1.33 -3.22 8.37
C LEU A 394 -1.77 -1.85 7.88
N TYR A 395 -2.77 -1.83 7.00
CA TYR A 395 -3.32 -0.57 6.50
C TYR A 395 -4.26 0.04 7.53
N GLN A 396 -4.07 1.32 7.86
CA GLN A 396 -4.90 1.98 8.87
C GLN A 396 -6.39 1.72 8.64
N GLY A 397 -7.08 1.37 9.72
CA GLY A 397 -8.48 1.02 9.67
C GLY A 397 -8.74 -0.48 9.56
N GLU A 398 -7.82 -1.25 9.00
CA GLU A 398 -8.04 -2.69 8.94
C GLU A 398 -8.07 -3.30 10.33
N GLU A 399 -7.31 -2.74 11.27
CA GLU A 399 -7.34 -3.20 12.65
C GLU A 399 -8.67 -2.86 13.33
N LEU A 400 -9.50 -2.02 12.73
CA LEU A 400 -10.84 -1.73 13.21
C LEU A 400 -11.91 -2.51 12.47
N GLY A 401 -11.52 -3.28 11.46
CA GLY A 401 -12.49 -3.99 10.65
C GLY A 401 -13.41 -3.09 9.84
N LEU A 402 -12.93 -1.91 9.44
CA LEU A 402 -13.74 -1.02 8.61
C LEU A 402 -14.12 -1.69 7.29
N PRO A 403 -15.35 -1.53 6.86
CA PRO A 403 -15.70 -1.89 5.49
C PRO A 403 -15.30 -0.79 4.52
N GLU A 404 -15.15 -1.17 3.25
CA GLU A 404 -15.09 -0.19 2.17
C GLU A 404 -16.39 0.61 2.12
N VAL A 405 -16.26 1.92 1.95
CA VAL A 405 -17.44 2.78 1.81
C VAL A 405 -17.73 2.87 0.31
N LEU A 406 -18.46 1.87 -0.19
CA LEU A 406 -18.75 1.77 -1.62
C LEU A 406 -19.77 2.80 -2.06
N ASP A 407 -20.66 3.23 -1.16
CA ASP A 407 -21.79 4.09 -1.48
C ASP A 407 -21.47 5.56 -1.24
N LEU A 408 -20.20 5.95 -1.34
CA LEU A 408 -19.85 7.35 -1.31
C LEU A 408 -20.65 8.10 -2.37
N PRO A 409 -21.22 9.26 -2.04
CA PRO A 409 -21.93 10.04 -3.06
C PRO A 409 -21.02 10.42 -4.23
N ASP A 410 -21.58 10.36 -5.44
CA ASP A 410 -20.83 10.73 -6.64
C ASP A 410 -20.07 12.02 -6.44
N ALA A 411 -20.73 13.04 -5.88
CA ALA A 411 -20.17 14.37 -5.82
C ALA A 411 -18.96 14.43 -4.91
N ALA A 412 -18.83 13.47 -3.99
CA ALA A 412 -17.74 13.46 -3.02
C ALA A 412 -16.47 12.80 -3.55
N ARG A 413 -16.55 12.08 -4.66
CA ARG A 413 -15.40 11.33 -5.14
C ARG A 413 -14.32 12.27 -5.68
N GLN A 414 -13.06 11.94 -5.35
CA GLN A 414 -11.91 12.74 -5.75
C GLN A 414 -10.86 11.97 -6.54
N ASP A 415 -10.87 10.65 -6.45
CA ASP A 415 -9.85 9.85 -7.11
C ASP A 415 -9.84 10.11 -8.62
N PRO A 416 -8.69 10.41 -9.23
CA PRO A 416 -8.67 10.56 -10.70
C PRO A 416 -9.24 9.36 -11.44
N ILE A 417 -9.23 8.17 -10.85
CA ILE A 417 -9.85 7.01 -11.50
C ILE A 417 -11.34 7.28 -11.75
N TRP A 418 -12.01 7.90 -10.78
CA TRP A 418 -13.41 8.25 -10.95
C TRP A 418 -13.61 9.23 -12.11
N THR A 419 -12.83 10.31 -12.13
CA THR A 419 -13.05 11.34 -13.15
C THR A 419 -12.63 10.85 -14.54
N ARG A 420 -11.52 10.11 -14.64
CA ARG A 420 -11.02 9.67 -15.93
C ARG A 420 -11.86 8.56 -16.54
N SER A 421 -12.60 7.82 -15.73
CA SER A 421 -13.53 6.80 -16.20
C SER A 421 -14.94 7.36 -16.42
N ASN A 422 -15.12 8.67 -16.31
CA ASN A 422 -16.44 9.29 -16.42
C ASN A 422 -17.45 8.65 -15.46
N GLY A 423 -16.95 8.19 -14.32
CA GLY A 423 -17.79 7.60 -13.30
C GLY A 423 -18.08 6.12 -13.44
N THR A 424 -17.43 5.43 -14.36
CA THR A 424 -17.69 4.00 -14.54
C THR A 424 -16.78 3.11 -13.71
N GLU A 425 -15.71 3.66 -13.14
CA GLU A 425 -14.88 2.96 -12.16
C GLU A 425 -14.93 3.75 -10.86
N LEU A 426 -15.23 3.07 -9.76
CA LEU A 426 -15.49 3.74 -8.49
C LEU A 426 -14.24 4.43 -7.95
N GLY A 427 -13.09 3.80 -8.09
CA GLY A 427 -11.88 4.36 -7.52
C GLY A 427 -11.67 3.95 -6.07
N ARG A 428 -10.75 4.67 -5.43
CA ARG A 428 -10.18 4.24 -4.17
C ARG A 428 -10.64 5.08 -2.97
N ASP A 429 -11.55 6.03 -3.15
CA ASP A 429 -11.88 6.92 -2.04
C ASP A 429 -12.54 6.16 -0.88
N GLY A 430 -13.18 5.02 -1.16
CA GLY A 430 -13.89 4.30 -0.12
C GLY A 430 -13.03 3.61 0.93
N CYS A 431 -11.71 3.55 0.73
CA CYS A 431 -10.80 3.06 1.76
C CYS A 431 -10.00 4.19 2.38
N ARG A 432 -10.32 5.43 2.03
CA ARG A 432 -9.59 6.61 2.48
C ARG A 432 -10.45 7.52 3.34
N ILE A 433 -11.54 6.98 3.87
CA ILE A 433 -12.45 7.76 4.71
C ILE A 433 -11.80 7.99 6.08
N PRO A 434 -11.84 9.22 6.59
CA PRO A 434 -11.25 9.50 7.91
C PRO A 434 -11.67 8.49 8.99
N LEU A 435 -10.69 8.05 9.78
CA LEU A 435 -10.91 6.98 10.74
C LEU A 435 -11.81 7.42 11.89
N PRO A 436 -12.59 6.50 12.45
CA PRO A 436 -13.33 6.78 13.69
C PRO A 436 -12.52 6.47 14.92
N TRP A 437 -12.45 7.44 15.83
CA TRP A 437 -11.71 7.33 17.09
C TRP A 437 -12.62 7.17 18.30
N THR A 438 -13.74 7.87 18.32
CA THR A 438 -14.69 7.84 19.42
C THR A 438 -16.09 7.64 18.84
N ARG A 439 -16.95 6.99 19.63
CA ARG A 439 -18.34 6.86 19.22
C ARG A 439 -19.01 8.23 19.12
N GLU A 440 -18.65 9.16 20.00
CA GLU A 440 -19.26 10.47 20.03
C GLU A 440 -18.52 11.46 19.12
N GLY A 441 -19.20 12.55 18.81
CA GLY A 441 -18.58 13.59 18.00
C GLY A 441 -19.06 13.58 16.55
N ARG A 442 -19.15 14.76 15.96
CA ARG A 442 -19.66 14.89 14.60
C ARG A 442 -18.74 14.21 13.60
N THR A 443 -17.44 14.13 13.91
CA THR A 443 -16.47 13.41 13.09
C THR A 443 -15.89 12.20 13.81
N PHE A 444 -16.58 11.70 14.83
CA PHE A 444 -16.15 10.49 15.55
C PHE A 444 -14.74 10.64 16.11
N GLY A 445 -14.42 11.84 16.58
CA GLY A 445 -13.12 12.07 17.18
C GLY A 445 -11.98 12.20 16.20
N PHE A 446 -12.25 12.11 14.89
CA PHE A 446 -11.21 12.39 13.90
C PHE A 446 -10.74 13.83 13.99
N SER A 447 -11.64 14.74 14.34
CA SER A 447 -11.27 16.11 14.62
C SER A 447 -12.11 16.62 15.79
N ASP A 448 -11.76 17.80 16.28
CA ASP A 448 -12.46 18.40 17.40
C ASP A 448 -13.75 19.07 16.92
N ALA A 449 -14.59 19.45 17.89
CA ALA A 449 -15.72 20.30 17.58
C ALA A 449 -15.22 21.73 17.42
N ALA A 450 -15.51 22.33 16.26
CA ALA A 450 -15.01 23.60 15.71
C ALA A 450 -14.29 23.30 14.40
N ALA A 451 -14.04 22.01 14.14
CA ALA A 451 -13.29 21.62 12.95
C ALA A 451 -14.14 21.71 11.69
N ALA A 452 -13.49 22.07 10.59
CA ALA A 452 -14.11 22.09 9.28
C ALA A 452 -14.61 20.69 8.91
N THR A 453 -15.47 20.67 7.88
CA THR A 453 -15.98 19.44 7.29
C THR A 453 -14.83 18.53 6.85
N THR A 454 -14.98 17.22 7.10
CA THR A 454 -13.90 16.30 6.70
C THR A 454 -13.78 16.23 5.18
N TRP A 455 -12.56 15.99 4.71
CA TRP A 455 -12.26 16.12 3.29
C TRP A 455 -12.97 15.04 2.46
N LEU A 456 -13.20 13.86 3.04
CA LEU A 456 -14.19 12.93 2.54
C LEU A 456 -15.19 12.66 3.65
N PRO A 457 -16.47 12.47 3.32
CA PRO A 457 -17.49 12.32 4.37
C PRO A 457 -17.46 10.94 5.03
N GLN A 458 -17.54 10.94 6.35
CA GLN A 458 -17.71 9.70 7.10
C GLN A 458 -19.18 9.30 7.14
N PRO A 459 -19.51 8.04 6.87
CA PRO A 459 -20.90 7.58 7.03
C PRO A 459 -21.36 7.74 8.47
N ALA A 460 -22.68 7.91 8.62
CA ALA A 460 -23.25 8.10 9.95
C ALA A 460 -22.96 6.94 10.88
N TRP A 461 -22.72 5.75 10.34
CA TRP A 461 -22.51 4.55 11.13
C TRP A 461 -21.03 4.29 11.46
N PHE A 462 -20.11 5.14 11.03
CA PHE A 462 -18.69 4.88 11.28
C PHE A 462 -18.38 4.84 12.76
N GLY A 463 -19.16 5.56 13.58
CA GLY A 463 -18.90 5.58 15.01
C GLY A 463 -19.01 4.22 15.66
N ALA A 464 -19.76 3.31 15.05
CA ALA A 464 -19.86 1.95 15.55
C ALA A 464 -18.52 1.23 15.54
N PHE A 465 -17.58 1.69 14.73
CA PHE A 465 -16.26 1.08 14.59
C PHE A 465 -15.18 1.84 15.36
N ALA A 466 -15.58 2.79 16.21
CA ALA A 466 -14.66 3.68 16.89
C ALA A 466 -13.56 2.93 17.66
N ARG A 467 -12.34 3.42 17.52
CA ARG A 467 -11.18 2.79 18.16
C ARG A 467 -11.39 2.67 19.67
N ALA A 468 -11.86 3.75 20.32
CA ALA A 468 -12.01 3.72 21.77
C ALA A 468 -13.02 2.65 22.20
N THR A 469 -14.10 2.49 21.43
CA THR A 469 -15.06 1.44 21.74
C THR A 469 -14.41 0.06 21.64
N GLN A 470 -13.65 -0.15 20.57
CA GLN A 470 -13.02 -1.44 20.36
C GLN A 470 -11.98 -1.74 21.43
N ALA A 471 -11.24 -0.72 21.87
CA ALA A 471 -10.20 -0.96 22.87
C ALA A 471 -10.78 -1.52 24.16
N ALA A 472 -12.02 -1.19 24.48
CA ALA A 472 -12.66 -1.64 25.71
C ALA A 472 -13.35 -2.98 25.58
N ASP A 473 -13.37 -3.57 24.39
CA ASP A 473 -14.07 -4.82 24.12
C ASP A 473 -13.06 -5.89 23.76
N PRO A 474 -12.84 -6.90 24.61
CA PRO A 474 -11.83 -7.93 24.29
C PRO A 474 -12.15 -8.76 23.06
N ASP A 475 -13.38 -8.69 22.55
CA ASP A 475 -13.75 -9.44 21.36
C ASP A 475 -13.65 -8.61 20.08
N SER A 476 -13.19 -7.37 20.16
CA SER A 476 -13.20 -6.51 18.98
C SER A 476 -12.09 -6.89 18.01
N MET A 477 -12.23 -6.41 16.77
CA MET A 477 -11.15 -6.53 15.79
C MET A 477 -9.86 -5.93 16.30
N LEU A 478 -9.94 -4.76 16.94
CA LEU A 478 -8.75 -4.12 17.47
C LEU A 478 -8.08 -5.00 18.53
N SER A 479 -8.89 -5.55 19.45
CA SER A 479 -8.34 -6.40 20.49
C SER A 479 -7.73 -7.68 19.92
N LEU A 480 -8.34 -8.22 18.89
CA LEU A 480 -7.74 -9.38 18.22
C LEU A 480 -6.37 -9.03 17.67
N HIS A 481 -6.24 -7.86 17.03
CA HIS A 481 -4.94 -7.46 16.50
C HIS A 481 -3.92 -7.26 17.63
N ARG A 482 -4.34 -6.65 18.74
CA ARG A 482 -3.43 -6.48 19.87
C ARG A 482 -2.94 -7.83 20.37
N ASP A 483 -3.87 -8.80 20.51
CA ASP A 483 -3.51 -10.13 20.98
C ASP A 483 -2.59 -10.84 20.00
N LEU A 484 -2.89 -10.74 18.71
CA LEU A 484 -2.03 -11.34 17.69
C LEU A 484 -0.62 -10.80 17.75
N LEU A 485 -0.47 -9.47 17.82
CA LEU A 485 0.86 -8.90 17.82
C LEU A 485 1.63 -9.26 19.09
N ALA A 486 0.93 -9.32 20.23
CA ALA A 486 1.59 -9.71 21.47
C ALA A 486 2.06 -11.16 21.40
N THR A 487 1.18 -12.05 20.91
CA THR A 487 1.49 -13.47 20.83
C THR A 487 2.52 -13.75 19.75
N ARG A 488 2.46 -12.99 18.64
CA ARG A 488 3.45 -13.12 17.58
C ARG A 488 4.85 -12.84 18.12
N ARG A 489 4.99 -11.80 18.96
CA ARG A 489 6.30 -11.46 19.48
C ARG A 489 6.82 -12.50 20.48
N THR A 490 5.93 -13.05 21.30
CA THR A 490 6.38 -13.96 22.35
C THR A 490 6.58 -15.39 21.83
N HIS A 491 5.74 -15.85 20.89
CA HIS A 491 5.71 -17.26 20.54
C HIS A 491 6.22 -17.61 19.14
N LEU A 492 6.27 -16.65 18.21
CA LEU A 492 6.67 -16.93 16.84
C LEU A 492 8.08 -16.39 16.62
N ARG A 493 9.04 -17.29 16.41
CA ARG A 493 10.42 -16.91 16.12
C ARG A 493 10.62 -16.76 14.62
N GLY A 494 11.22 -15.64 14.21
CA GLY A 494 11.43 -15.36 12.80
C GLY A 494 12.30 -16.38 12.09
N THR A 495 13.16 -17.08 12.83
CA THR A 495 14.04 -18.08 12.23
C THR A 495 13.36 -19.41 11.95
N GLU A 496 12.12 -19.61 12.41
CA GLU A 496 11.45 -20.88 12.22
C GLU A 496 10.65 -20.86 10.92
N PRO A 497 10.98 -21.70 9.94
CA PRO A 497 10.25 -21.70 8.68
C PRO A 497 8.96 -22.48 8.78
N ILE A 498 8.09 -22.24 7.80
CA ILE A 498 6.83 -22.96 7.70
C ILE A 498 7.11 -24.42 7.36
N VAL A 499 6.44 -25.32 8.08
CA VAL A 499 6.35 -26.73 7.72
C VAL A 499 4.88 -26.98 7.41
N TRP A 500 4.56 -27.25 6.16
CA TRP A 500 3.16 -27.42 5.78
C TRP A 500 2.62 -28.72 6.37
N LEU A 501 1.48 -28.64 7.03
CA LEU A 501 0.79 -29.81 7.59
C LEU A 501 -0.34 -30.27 6.68
N SER A 502 -1.12 -29.35 6.14
CA SER A 502 -2.14 -29.69 5.17
C SER A 502 -1.53 -29.88 3.78
N PRO A 503 -2.17 -30.67 2.93
CA PRO A 503 -1.66 -30.88 1.57
C PRO A 503 -2.16 -29.82 0.61
N ALA A 504 -1.47 -29.74 -0.52
CA ALA A 504 -1.94 -28.88 -1.61
C ALA A 504 -3.39 -29.19 -1.94
N GLY A 505 -4.18 -28.13 -2.11
CA GLY A 505 -5.58 -28.26 -2.46
C GLY A 505 -6.54 -28.37 -1.29
N ALA A 506 -6.04 -28.52 -0.07
CA ALA A 506 -6.91 -28.72 1.07
C ALA A 506 -7.82 -27.51 1.28
N GLU A 507 -8.97 -27.76 1.89
CA GLU A 507 -9.89 -26.70 2.28
C GLU A 507 -9.57 -26.12 3.65
N VAL A 508 -8.62 -26.74 4.37
CA VAL A 508 -8.12 -26.24 5.63
C VAL A 508 -6.61 -26.10 5.48
N LEU A 509 -6.11 -24.90 5.78
CA LEU A 509 -4.70 -24.59 5.67
C LEU A 509 -4.07 -24.80 7.03
N ALA A 510 -2.95 -25.51 7.08
CA ALA A 510 -2.33 -25.76 8.37
C ALA A 510 -0.82 -25.86 8.23
N PHE A 511 -0.09 -25.23 9.16
CA PHE A 511 1.36 -25.33 9.13
C PHE A 511 1.89 -25.21 10.55
N ARG A 512 3.15 -25.62 10.70
CA ARG A 512 3.84 -25.50 11.96
C ARG A 512 5.04 -24.58 11.76
N ARG A 513 5.29 -23.73 12.76
CA ARG A 513 6.53 -22.96 12.85
C ARG A 513 7.07 -23.17 14.25
N GLY A 514 8.14 -23.95 14.37
CA GLY A 514 8.68 -24.25 15.69
C GLY A 514 7.68 -25.03 16.52
N ASP A 515 7.29 -24.47 17.66
CA ASP A 515 6.32 -25.09 18.55
C ASP A 515 4.94 -24.45 18.45
N VAL A 516 4.64 -23.77 17.35
CA VAL A 516 3.33 -23.16 17.12
C VAL A 516 2.74 -23.84 15.90
N VAL A 517 1.49 -24.28 16.01
CA VAL A 517 0.73 -24.83 14.89
C VAL A 517 -0.41 -23.88 14.58
N VAL A 518 -0.55 -23.54 13.30
CA VAL A 518 -1.55 -22.60 12.82
C VAL A 518 -2.51 -23.34 11.91
N VAL A 519 -3.81 -23.22 12.17
CA VAL A 519 -4.85 -23.84 11.37
C VAL A 519 -5.87 -22.78 10.99
N THR A 520 -6.13 -22.63 9.69
CA THR A 520 -7.22 -21.78 9.18
C THR A 520 -8.22 -22.67 8.47
N ASN A 521 -9.41 -22.78 9.05
CA ASN A 521 -10.52 -23.54 8.48
C ASN A 521 -11.28 -22.59 7.57
N PHE A 522 -11.10 -22.71 6.25
CA PHE A 522 -11.78 -21.80 5.34
C PHE A 522 -13.24 -22.15 5.12
N GLY A 523 -13.65 -23.37 5.47
CA GLY A 523 -14.99 -23.84 5.17
C GLY A 523 -16.02 -23.50 6.24
N SER A 524 -17.24 -23.96 5.99
CA SER A 524 -18.39 -23.61 6.82
C SER A 524 -18.76 -24.68 7.83
N ALA A 525 -18.02 -25.79 7.90
CA ALA A 525 -18.22 -26.80 8.92
C ALA A 525 -17.06 -26.80 9.93
N PRO A 526 -17.30 -27.20 11.18
CA PRO A 526 -16.18 -27.38 12.12
C PRO A 526 -15.21 -28.44 11.63
N PHE A 527 -13.95 -28.29 12.03
CA PHE A 527 -12.87 -29.15 11.55
C PHE A 527 -12.07 -29.69 12.73
N THR A 528 -11.86 -31.01 12.75
CA THR A 528 -11.07 -31.63 13.80
C THR A 528 -9.69 -31.96 13.26
N PRO A 529 -8.63 -31.30 13.71
CA PRO A 529 -7.28 -31.58 13.16
C PRO A 529 -6.86 -33.01 13.43
N PRO A 530 -6.21 -33.65 12.46
CA PRO A 530 -5.69 -35.01 12.71
C PRO A 530 -4.61 -34.99 13.78
N SER A 531 -4.62 -36.04 14.61
CA SER A 531 -3.73 -36.08 15.76
C SER A 531 -2.26 -36.02 15.36
N ALA A 532 -1.93 -36.39 14.11
CA ALA A 532 -0.55 -36.31 13.66
C ALA A 532 -0.04 -34.88 13.62
N TRP A 533 -0.92 -33.89 13.56
CA TRP A 533 -0.44 -32.50 13.62
C TRP A 533 0.08 -32.13 15.00
N GLY A 534 -0.16 -32.96 16.01
CA GLY A 534 0.40 -32.77 17.33
C GLY A 534 -0.66 -32.64 18.42
N ALA A 535 -0.17 -32.72 19.65
CA ALA A 535 -1.00 -32.44 20.82
C ALA A 535 -1.02 -30.93 21.03
N LEU A 536 -2.17 -30.31 20.79
CA LEU A 536 -2.29 -28.86 20.71
C LEU A 536 -3.07 -28.31 21.90
N SER A 537 -2.63 -27.17 22.42
CA SER A 537 -3.47 -26.36 23.27
C SER A 537 -3.58 -24.97 22.64
N PRO A 538 -4.75 -24.35 22.65
CA PRO A 538 -4.90 -23.09 21.91
C PRO A 538 -4.15 -21.96 22.60
N LEU A 539 -3.55 -21.11 21.77
CA LEU A 539 -2.99 -19.83 22.19
C LEU A 539 -3.96 -18.69 21.97
N LEU A 540 -4.48 -18.56 20.76
CA LEU A 540 -5.55 -17.63 20.47
C LEU A 540 -6.30 -18.14 19.26
N ALA A 541 -7.44 -17.51 18.99
CA ALA A 541 -8.25 -17.86 17.84
C ALA A 541 -8.97 -16.60 17.37
N SER A 542 -9.40 -16.61 16.13
CA SER A 542 -10.10 -15.47 15.57
C SER A 542 -11.59 -15.47 15.89
N GLN A 543 -12.07 -16.51 16.58
CA GLN A 543 -13.43 -16.61 17.14
C GLN A 543 -13.31 -17.29 18.50
N PRO A 544 -14.41 -17.38 19.27
CA PRO A 544 -14.39 -18.18 20.51
C PRO A 544 -14.20 -19.66 20.19
N LEU A 545 -13.24 -20.27 20.90
CA LEU A 545 -12.71 -21.65 20.77
C LEU A 545 -11.23 -21.57 20.36
N GLY A 547 -14.46 -23.67 24.10
CA GLY A 547 -13.22 -24.30 24.49
C GLY A 547 -13.11 -25.76 24.07
N SER A 548 -13.14 -26.00 22.76
CA SER A 548 -12.98 -27.33 22.20
C SER A 548 -11.68 -27.41 21.41
N ALA A 549 -11.41 -28.60 20.87
CA ALA A 549 -10.25 -28.83 20.01
C ALA A 549 -10.58 -28.80 18.52
N THR A 550 -11.87 -28.71 18.16
CA THR A 550 -12.21 -28.48 16.77
C THR A 550 -12.05 -27.01 16.43
N VAL A 551 -11.75 -26.76 15.15
CA VAL A 551 -11.59 -25.39 14.65
C VAL A 551 -12.93 -24.96 14.06
N PRO A 552 -13.57 -23.94 14.60
CA PRO A 552 -14.88 -23.51 14.08
C PRO A 552 -14.80 -23.07 12.63
N PRO A 553 -15.95 -22.95 11.95
CA PRO A 553 -15.94 -22.50 10.56
C PRO A 553 -15.31 -21.13 10.40
N GLU A 554 -14.61 -20.96 9.28
CA GLU A 554 -13.99 -19.70 8.87
C GLU A 554 -13.24 -19.04 10.05
N THR A 555 -12.36 -19.83 10.67
CA THR A 555 -11.63 -19.43 11.87
C THR A 555 -10.17 -19.85 11.76
N THR A 556 -9.28 -19.00 12.29
CA THR A 556 -7.85 -19.31 12.44
C THR A 556 -7.57 -19.54 13.90
N VAL A 557 -6.84 -20.61 14.20
CA VAL A 557 -6.40 -20.94 15.56
C VAL A 557 -4.88 -21.06 15.57
N TRP A 558 -4.23 -20.38 16.51
CA TRP A 558 -2.83 -20.62 16.85
C TRP A 558 -2.80 -21.50 18.09
N SER A 559 -2.05 -22.58 18.03
CA SER A 559 -1.92 -23.49 19.16
C SER A 559 -0.45 -23.71 19.50
N ARG A 560 -0.20 -23.95 20.78
CA ARG A 560 1.11 -24.43 21.21
C ARG A 560 1.19 -25.93 21.02
N LEU A 561 2.28 -26.38 20.42
CA LEU A 561 2.56 -27.80 20.23
C LEU A 561 3.30 -28.35 21.44
N HIS A 562 2.73 -29.38 22.07
CA HIS A 562 3.37 -30.03 23.21
C HIS A 562 4.22 -31.20 22.76
#